data_7OYH
#
_entry.id   7OYH
#
_cell.length_a   106.827
_cell.length_b   106.827
_cell.length_c   107.947
_cell.angle_alpha   90.000
_cell.angle_beta   90.000
_cell.angle_gamma   120.000
#
_symmetry.space_group_name_H-M   'P 31 2 1'
#
loop_
_entity.id
_entity.type
_entity.pdbx_description
1 polymer Depupylase
2 polymer 'Prokaryotic ubiquitin-like protein Pup'
3 non-polymer 'MAGNESIUM ION'
4 non-polymer "ADENOSINE-5'-DIPHOSPHATE"
5 non-polymer 1,2-ETHANEDIOL
6 non-polymer DI(HYDROXYETHYL)ETHER
7 non-polymer 'ACETATE ION'
8 non-polymer 'TRIETHYLENE GLYCOL'
9 non-polymer 'SULFATE ION'
10 non-polymer TETRAFLUOROMAGNESATE(2-)
11 water water
#
loop_
_entity_poly.entity_id
_entity_poly.type
_entity_poly.pdbx_seq_one_letter_code
_entity_poly.pdbx_strand_id
1 'polypeptide(L)'
;MHRVMGIETEYGISVPHQPNANAMAASSQVVNAYAPIGAPAQRQARWDFEEENPLRDARGFEVAREAADPSQLTDEDLGL
ANVILTNGARLYVDHAHPEYSTPEVTNPRDAVLWDKAGERIMAEAARRAADLPMGWTIQLYKNNTDNKGASYGCHENYLM
NRSTPFADIVRHLIPFFVTRQVFCGAGRVGIGADGRGEGFQLSQRADFFEVEVGLETTLKRPIINTRDEPHADPEKYRRL
HVIIGDANMSEIATYLKLGTTALVLAMIEDGFLSQDFSVESPVGALRAVSHDPTLRYQLRLHDGRRLTAVQLQMEYLEQA
RKYVEDRFGTDVDDMTRDVLDRWETTLVRLADDPMQLSRDLDWVAKLSILEGYRQRENLPWSAHKLQLVDLQYHDVRPDR
GLYNRLVARGRMNLLVDEAAVRTAMHEPPNDTRAYFRGRCLAKFGAEIAAASWDSVIFDLPGRDSLQRVPTLEPLRGTRA
HVGDLLDRCRSATELVAALTGGENLYFQ
;
A
2 'polypeptide(L)' DAILDEIDDVLEENAEEFVRSYIQKGGE B
#
loop_
_chem_comp.id
_chem_comp.type
_chem_comp.name
_chem_comp.formula
ACT non-polymer 'ACETATE ION' 'C2 H3 O2 -1'
ADP non-polymer ADENOSINE-5'-DIPHOSPHATE 'C10 H15 N5 O10 P2'
EDO non-polymer 1,2-ETHANEDIOL 'C2 H6 O2'
MF4 non-polymer TETRAFLUOROMAGNESATE(2-) 'F4 Mg -2'
MG non-polymer 'MAGNESIUM ION' 'Mg 2'
PEG non-polymer DI(HYDROXYETHYL)ETHER 'C4 H10 O3'
PGE non-polymer 'TRIETHYLENE GLYCOL' 'C6 H14 O4'
SO4 non-polymer 'SULFATE ION' 'O4 S -2'
#
# COMPACT_ATOMS: atom_id res chain seq x y z
N MET A 1 -14.76 4.50 -15.06
N MET A 1 -11.43 2.98 -14.77
CA MET A 1 -14.69 4.83 -13.64
CA MET A 1 -11.73 3.43 -13.41
C MET A 1 -13.28 5.18 -13.22
C MET A 1 -11.23 4.86 -13.19
N HIS A 2 -13.16 6.28 -12.48
N HIS A 2 -11.95 5.62 -12.38
CA HIS A 2 -11.90 6.69 -11.88
CA HIS A 2 -11.54 6.97 -11.99
C HIS A 2 -12.15 6.92 -10.40
C HIS A 2 -11.99 7.21 -10.56
N ARG A 3 -11.06 7.05 -9.62
CA ARG A 3 -11.22 7.45 -8.24
C ARG A 3 -9.85 7.87 -7.75
N VAL A 4 -9.75 9.07 -7.17
CA VAL A 4 -8.46 9.51 -6.64
C VAL A 4 -8.09 8.62 -5.46
N MET A 5 -6.85 8.14 -5.47
CA MET A 5 -6.40 7.20 -4.45
C MET A 5 -4.90 7.34 -4.28
N GLY A 6 -4.38 6.81 -3.16
CA GLY A 6 -2.95 6.79 -2.93
C GLY A 6 -2.64 5.77 -1.85
N ILE A 7 -1.38 5.33 -1.81
CA ILE A 7 -0.94 4.28 -0.88
C ILE A 7 0.24 4.81 -0.09
N GLU A 8 0.19 4.66 1.24
CA GLU A 8 1.31 5.00 2.12
C GLU A 8 1.87 3.72 2.67
N THR A 9 3.19 3.53 2.61
CA THR A 9 3.79 2.30 3.13
C THR A 9 4.93 2.64 4.07
N GLU A 10 4.80 2.21 5.33
CA GLU A 10 5.89 2.26 6.31
C GLU A 10 6.72 0.99 6.18
N TYR A 11 8.04 1.14 5.96
CA TYR A 11 8.94 0.02 5.74
C TYR A 11 9.60 -0.38 7.05
N GLY A 12 9.74 -1.68 7.26
CA GLY A 12 10.59 -2.15 8.34
C GLY A 12 12.05 -1.82 8.06
N ILE A 13 12.81 -1.56 9.11
CA ILE A 13 14.18 -1.09 8.91
C ILE A 13 15.10 -1.75 9.93
N SER A 14 16.22 -2.29 9.45
CA SER A 14 17.12 -3.11 10.24
C SER A 14 18.55 -2.66 9.96
N VAL A 15 19.32 -2.39 11.02
CA VAL A 15 20.72 -1.99 10.85
C VAL A 15 21.58 -2.84 11.78
N PRO A 16 21.88 -4.08 11.40
CA PRO A 16 22.61 -4.98 12.31
C PRO A 16 24.04 -4.53 12.54
N HIS A 17 24.57 -4.86 13.72
CA HIS A 17 26.02 -4.71 14.01
C HIS A 17 26.47 -3.24 13.91
N GLN A 18 25.59 -2.34 14.35
CA GLN A 18 25.90 -0.91 14.43
C GLN A 18 25.36 -0.38 15.76
N PRO A 19 26.20 -0.38 16.80
CA PRO A 19 25.73 0.08 18.12
C PRO A 19 25.32 1.54 18.19
N ASN A 20 25.80 2.41 17.29
CA ASN A 20 25.33 3.78 17.25
C ASN A 20 23.96 3.92 16.62
N ALA A 21 23.48 2.91 15.91
CA ALA A 21 22.30 3.13 15.10
C ALA A 21 21.06 3.09 15.97
N ASN A 22 20.08 3.95 15.65
CA ASN A 22 18.74 3.84 16.16
C ASN A 22 17.80 3.98 14.98
N ALA A 23 16.51 3.68 15.20
CA ALA A 23 15.58 3.61 14.07
C ALA A 23 15.40 4.97 13.42
N MET A 24 15.32 6.03 14.23
CA MET A 24 15.13 7.36 13.68
C MET A 24 16.33 7.80 12.86
N ALA A 25 17.54 7.55 13.35
CA ALA A 25 18.72 7.91 12.55
C ALA A 25 18.79 7.12 11.26
N ALA A 26 18.54 5.82 11.33
CA ALA A 26 18.58 5.00 10.12
C ALA A 26 17.52 5.44 9.13
N SER A 27 16.29 5.70 9.60
CA SER A 27 15.23 6.15 8.68
C SER A 27 15.58 7.50 8.05
N SER A 28 16.19 8.40 8.83
CA SER A 28 16.61 9.67 8.27
C SER A 28 17.69 9.50 7.20
N GLN A 29 18.65 8.58 7.43
CA GLN A 29 19.67 8.34 6.42
C GLN A 29 19.04 7.88 5.12
N VAL A 30 18.04 7.01 5.21
CA VAL A 30 17.36 6.54 4.01
C VAL A 30 16.72 7.71 3.27
N VAL A 31 15.92 8.50 3.99
CA VAL A 31 15.23 9.62 3.35
C VAL A 31 16.24 10.63 2.80
N ASN A 32 17.21 11.01 3.64
CA ASN A 32 18.15 12.05 3.23
C ASN A 32 19.12 11.60 2.15
N ALA A 33 19.49 10.32 2.13
CA ALA A 33 20.47 9.84 1.15
C ALA A 33 19.87 9.78 -0.24
N TYR A 34 18.55 9.67 -0.33
CA TYR A 34 17.89 9.68 -1.63
C TYR A 34 17.67 11.09 -2.13
N ALA A 35 17.19 11.97 -1.26
CA ALA A 35 16.95 13.39 -1.61
C ALA A 35 16.65 14.18 -0.35
N ALA A 45 12.31 18.69 -2.55
CA ALA A 45 12.20 19.81 -1.63
C ALA A 45 11.48 19.42 -0.34
N ARG A 46 11.45 20.32 0.64
CA ARG A 46 10.97 20.01 1.98
C ARG A 46 9.44 20.15 2.08
N TRP A 47 8.89 19.54 3.12
CA TRP A 47 7.43 19.45 3.30
C TRP A 47 6.86 20.70 3.96
N ASP A 48 5.69 21.14 3.47
CA ASP A 48 5.01 22.33 3.98
C ASP A 48 3.99 21.91 5.03
N PHE A 49 4.43 21.83 6.29
CA PHE A 49 3.50 21.53 7.37
C PHE A 49 2.49 22.66 7.56
N GLU A 50 2.95 23.91 7.43
CA GLU A 50 2.10 25.08 7.56
C GLU A 50 1.13 25.18 6.38
N GLY A 79 9.93 18.34 12.26
CA GLY A 79 11.38 18.47 12.24
C GLY A 79 12.16 17.29 11.68
N LEU A 80 11.45 16.24 11.27
CA LEU A 80 12.08 15.03 10.75
C LEU A 80 12.33 15.13 9.25
N ALA A 81 13.22 14.26 8.74
CA ALA A 81 13.50 14.21 7.31
C ALA A 81 12.21 13.93 6.54
N ASN A 82 11.94 14.73 5.50
CA ASN A 82 10.59 14.83 4.96
C ASN A 82 10.65 15.55 3.62
N VAL A 83 10.58 14.81 2.50
CA VAL A 83 10.83 15.41 1.20
C VAL A 83 9.71 15.07 0.24
N ILE A 84 9.50 15.95 -0.74
CA ILE A 84 8.64 15.68 -1.89
C ILE A 84 9.53 15.33 -3.07
N LEU A 85 9.17 14.27 -3.80
CA LEU A 85 9.96 13.78 -4.92
C LEU A 85 9.42 14.32 -6.26
N THR A 86 10.25 14.18 -7.30
CA THR A 86 9.85 14.69 -8.62
C THR A 86 8.75 13.85 -9.27
N ASN A 87 8.41 12.68 -8.71
CA ASN A 87 7.22 11.99 -9.17
C ASN A 87 5.97 12.38 -8.38
N GLY A 88 6.07 13.38 -7.50
CA GLY A 88 4.94 13.83 -6.71
C GLY A 88 4.71 13.08 -5.42
N ALA A 89 5.54 12.08 -5.11
CA ALA A 89 5.41 11.27 -3.89
C ALA A 89 6.02 11.99 -2.70
N ARG A 90 5.69 11.51 -1.51
CA ARG A 90 6.30 11.97 -0.27
C ARG A 90 7.20 10.86 0.27
N LEU A 91 8.41 11.22 0.68
CA LEU A 91 9.32 10.27 1.30
C LEU A 91 9.73 10.87 2.63
N TYR A 92 9.46 10.18 3.74
CA TYR A 92 9.68 10.83 5.03
C TYR A 92 9.81 9.82 6.15
N VAL A 93 10.26 10.31 7.30
CA VAL A 93 10.36 9.46 8.49
C VAL A 93 9.07 9.59 9.28
N ASP A 94 8.40 8.46 9.52
CA ASP A 94 7.16 8.43 10.29
C ASP A 94 7.22 7.34 11.34
N HIS A 95 7.05 7.71 12.61
CA HIS A 95 7.06 6.73 13.71
C HIS A 95 8.29 5.83 13.64
N ALA A 96 9.46 6.43 13.35
CA ALA A 96 10.73 5.70 13.30
C ALA A 96 10.79 4.68 12.18
N HIS A 97 10.01 4.87 11.13
CA HIS A 97 10.12 4.07 9.91
C HIS A 97 10.26 5.01 8.75
N PRO A 98 11.01 4.63 7.71
CA PRO A 98 10.92 5.38 6.46
C PRO A 98 9.59 5.05 5.80
N GLU A 99 8.93 6.08 5.26
CA GLU A 99 7.61 5.90 4.67
C GLU A 99 7.61 6.53 3.29
N TYR A 100 6.96 5.85 2.35
CA TYR A 100 6.75 6.33 1.00
C TYR A 100 5.26 6.45 0.77
N SER A 101 4.81 7.60 0.30
CA SER A 101 3.40 7.85 0.01
C SER A 101 3.28 8.21 -1.45
N THR A 102 2.51 7.42 -2.20
CA THR A 102 2.44 7.64 -3.63
C THR A 102 1.89 9.05 -3.92
N PRO A 103 2.19 9.58 -5.10
CA PRO A 103 1.35 10.66 -5.64
C PRO A 103 -0.10 10.20 -5.73
N GLU A 104 -1.01 11.16 -5.75
CA GLU A 104 -2.41 10.90 -6.07
C GLU A 104 -2.50 10.27 -7.46
N VAL A 105 -3.24 9.16 -7.58
CA VAL A 105 -3.48 8.51 -8.87
C VAL A 105 -4.99 8.34 -9.03
N THR A 106 -5.42 7.94 -10.23
CA THR A 106 -6.85 7.84 -10.49
C THR A 106 -7.36 6.43 -10.70
N ASN A 107 -6.51 5.40 -10.61
CA ASN A 107 -6.95 4.06 -10.94
C ASN A 107 -5.96 3.06 -10.33
N PRO A 108 -6.37 1.80 -10.17
CA PRO A 108 -5.52 0.85 -9.43
C PRO A 108 -4.28 0.40 -10.17
N ARG A 109 -4.22 0.45 -11.50
CA ARG A 109 -2.97 0.13 -12.18
CA ARG A 109 -2.97 0.12 -12.17
C ARG A 109 -1.91 1.17 -11.85
N ASP A 110 -2.29 2.44 -11.90
CA ASP A 110 -1.35 3.50 -11.56
C ASP A 110 -0.99 3.44 -10.08
N ALA A 111 -1.92 3.03 -9.22
CA ALA A 111 -1.54 2.84 -7.82
C ALA A 111 -0.45 1.79 -7.70
N VAL A 112 -0.59 0.65 -8.40
CA VAL A 112 0.45 -0.37 -8.40
C VAL A 112 1.77 0.20 -8.89
N LEU A 113 1.71 0.95 -9.99
CA LEU A 113 2.93 1.43 -10.64
C LEU A 113 3.73 2.36 -9.74
N TRP A 114 3.08 3.39 -9.19
CA TRP A 114 3.83 4.33 -8.35
C TRP A 114 4.12 3.76 -6.97
N ASP A 115 3.34 2.77 -6.51
CA ASP A 115 3.71 2.07 -5.28
C ASP A 115 4.95 1.19 -5.48
N LYS A 116 5.04 0.49 -6.63
CA LYS A 116 6.22 -0.30 -6.91
C LYS A 116 7.44 0.59 -7.09
N ALA A 117 7.25 1.77 -7.69
CA ALA A 117 8.34 2.73 -7.76
C ALA A 117 8.87 3.06 -6.37
N GLY A 118 7.99 3.09 -5.37
CA GLY A 118 8.44 3.33 -3.99
C GLY A 118 9.37 2.26 -3.48
N GLU A 119 9.11 0.99 -3.83
CA GLU A 119 10.03 -0.07 -3.44
C GLU A 119 11.40 0.15 -4.05
N ARG A 120 11.43 0.59 -5.31
CA ARG A 120 12.73 0.81 -5.97
C ARG A 120 13.44 1.99 -5.35
N ILE A 121 12.67 3.02 -4.99
CA ILE A 121 13.23 4.19 -4.32
C ILE A 121 13.81 3.80 -2.96
N MET A 122 13.09 2.98 -2.20
CA MET A 122 13.63 2.52 -0.92
C MET A 122 14.93 1.74 -1.11
N ALA A 123 14.96 0.81 -2.08
CA ALA A 123 16.17 0.01 -2.30
C ALA A 123 17.35 0.91 -2.66
N GLU A 124 17.12 1.88 -3.54
CA GLU A 124 18.19 2.79 -3.95
C GLU A 124 18.61 3.70 -2.80
N ALA A 125 17.64 4.14 -1.99
CA ALA A 125 17.97 5.01 -0.86
C ALA A 125 18.89 4.29 0.12
N ALA A 126 18.58 3.04 0.45
CA ALA A 126 19.47 2.27 1.31
C ALA A 126 20.84 2.09 0.69
N ARG A 127 20.91 1.84 -0.62
N ARG A 127 20.92 1.83 -0.62
CA ARG A 127 22.21 1.72 -1.29
CA ARG A 127 22.23 1.72 -1.25
C ARG A 127 22.99 3.01 -1.18
C ARG A 127 23.00 3.03 -1.15
N ARG A 128 22.32 4.16 -1.32
CA ARG A 128 23.02 5.43 -1.21
C ARG A 128 23.40 5.72 0.23
N ALA A 129 22.60 5.29 1.21
CA ALA A 129 22.98 5.52 2.60
C ALA A 129 24.25 4.78 2.97
N ALA A 130 24.53 3.66 2.31
CA ALA A 130 25.76 2.92 2.57
C ALA A 130 26.99 3.74 2.23
N ASP A 131 26.85 4.77 1.41
CA ASP A 131 27.94 5.65 1.01
C ASP A 131 28.10 6.85 1.94
N LEU A 132 27.19 7.02 2.90
CA LEU A 132 27.33 8.13 3.85
C LEU A 132 28.53 7.88 4.75
N PRO A 133 29.07 8.93 5.39
CA PRO A 133 30.23 8.72 6.26
C PRO A 133 30.06 7.63 7.29
N MET A 134 28.84 7.44 7.81
CA MET A 134 28.59 6.44 8.84
C MET A 134 28.74 5.01 8.31
N GLY A 135 28.50 4.81 7.02
CA GLY A 135 28.71 3.53 6.39
C GLY A 135 27.79 2.41 6.84
N TRP A 136 26.53 2.72 7.17
CA TRP A 136 25.64 1.67 7.68
C TRP A 136 25.05 0.86 6.53
N THR A 137 25.00 -0.46 6.72
CA THR A 137 24.28 -1.36 5.83
C THR A 137 22.85 -1.45 6.35
N ILE A 138 21.91 -0.87 5.59
CA ILE A 138 20.51 -0.72 6.04
C ILE A 138 19.65 -1.65 5.20
N GLN A 139 18.84 -2.47 5.87
CA GLN A 139 17.91 -3.39 5.22
CA GLN A 139 17.92 -3.37 5.19
C GLN A 139 16.49 -2.89 5.41
N LEU A 140 15.69 -2.96 4.36
CA LEU A 140 14.32 -2.46 4.39
C LEU A 140 13.36 -3.56 3.97
N TYR A 141 12.20 -3.61 4.63
CA TYR A 141 11.22 -4.69 4.44
C TYR A 141 9.85 -4.08 4.19
N LYS A 142 9.23 -4.46 3.08
CA LYS A 142 7.89 -3.97 2.78
C LYS A 142 6.86 -4.91 3.40
N ASN A 143 6.83 -4.92 4.73
CA ASN A 143 5.91 -5.81 5.46
C ASN A 143 5.25 -5.00 6.57
N ASN A 144 4.67 -5.69 7.57
CA ASN A 144 3.88 -4.99 8.58
C ASN A 144 4.13 -5.42 10.01
N THR A 145 5.06 -6.34 10.28
CA THR A 145 5.25 -6.73 11.67
C THR A 145 6.63 -7.37 11.86
N ASP A 146 7.12 -7.31 13.10
CA ASP A 146 8.35 -8.02 13.43
C ASP A 146 8.07 -9.39 14.04
N ASN A 147 6.81 -9.84 14.08
CA ASN A 147 6.38 -11.11 14.65
C ASN A 147 6.64 -11.19 16.15
N LYS A 148 6.88 -10.05 16.78
CA LYS A 148 7.12 -9.99 18.22
C LYS A 148 6.18 -9.01 18.92
N GLY A 149 5.12 -8.56 18.26
CA GLY A 149 4.17 -7.67 18.88
C GLY A 149 4.15 -6.26 18.33
N ALA A 150 5.06 -5.89 17.43
CA ALA A 150 5.05 -4.57 16.82
C ALA A 150 4.45 -4.65 15.42
N SER A 151 3.62 -3.67 15.08
CA SER A 151 3.06 -3.58 13.73
C SER A 151 3.23 -2.17 13.20
N TYR A 152 3.35 -2.06 11.88
CA TYR A 152 3.47 -0.78 11.19
C TYR A 152 2.67 -0.90 9.89
N GLY A 153 2.36 0.22 9.26
CA GLY A 153 1.15 0.34 8.44
C GLY A 153 1.37 0.49 6.95
N CYS A 154 0.43 -0.06 6.19
CA CYS A 154 0.30 0.25 4.76
C CYS A 154 -1.12 0.77 4.58
N HIS A 155 -1.25 2.07 4.38
CA HIS A 155 -2.55 2.74 4.40
C HIS A 155 -3.00 3.02 2.98
N GLU A 156 -4.29 2.78 2.72
CA GLU A 156 -4.90 3.14 1.45
C GLU A 156 -5.76 4.38 1.66
N ASN A 157 -5.76 5.27 0.67
CA ASN A 157 -6.54 6.49 0.77
C ASN A 157 -7.43 6.60 -0.44
N TYR A 158 -8.72 6.89 -0.22
CA TYR A 158 -9.69 6.98 -1.30
C TYR A 158 -10.52 8.26 -1.17
N LEU A 159 -10.64 8.98 -2.27
CA LEU A 159 -11.44 10.20 -2.28
C LEU A 159 -12.90 9.84 -2.52
N MET A 160 -13.78 10.39 -1.69
CA MET A 160 -15.23 10.11 -1.71
C MET A 160 -16.05 11.40 -1.65
N ASN A 161 -17.32 11.30 -2.04
CA ASN A 161 -18.27 12.38 -1.78
C ASN A 161 -18.43 12.59 -0.28
N ARG A 162 -18.30 13.85 0.17
CA ARG A 162 -18.64 14.19 1.55
C ARG A 162 -20.07 13.77 1.89
N SER A 163 -20.99 13.83 0.92
N SER A 163 -20.99 13.82 0.93
CA SER A 163 -22.39 13.59 1.25
CA SER A 163 -22.40 13.57 1.24
C SER A 163 -22.68 12.14 1.62
C SER A 163 -22.68 12.12 1.63
N THR A 164 -21.85 11.18 1.22
CA THR A 164 -22.11 9.77 1.54
C THR A 164 -22.18 9.56 3.05
N PRO A 165 -23.28 9.04 3.60
CA PRO A 165 -23.38 8.95 5.07
C PRO A 165 -22.40 7.93 5.64
N PHE A 166 -21.74 8.32 6.73
CA PHE A 166 -20.68 7.46 7.25
C PHE A 166 -21.23 6.15 7.78
N ALA A 167 -22.48 6.11 8.28
CA ALA A 167 -22.97 4.84 8.82
C ALA A 167 -23.07 3.78 7.73
N ASP A 168 -23.34 4.19 6.49
CA ASP A 168 -23.33 3.23 5.37
C ASP A 168 -21.93 2.82 4.99
N ILE A 169 -20.98 3.76 5.06
CA ILE A 169 -19.59 3.40 4.82
C ILE A 169 -19.16 2.32 5.79
N VAL A 170 -19.48 2.50 7.08
CA VAL A 170 -19.08 1.54 8.09
C VAL A 170 -19.75 0.18 7.86
N ARG A 171 -21.07 0.17 7.69
CA ARG A 171 -21.74 -1.10 7.76
C ARG A 171 -21.47 -1.95 6.51
N HIS A 172 -21.19 -1.31 5.38
CA HIS A 172 -20.88 -2.09 4.18
C HIS A 172 -19.39 -2.40 4.06
N LEU A 173 -18.51 -1.59 4.64
CA LEU A 173 -17.09 -1.89 4.49
C LEU A 173 -16.60 -2.91 5.51
N ILE A 174 -17.15 -2.96 6.72
CA ILE A 174 -16.59 -3.87 7.72
C ILE A 174 -16.58 -5.32 7.22
N PRO A 175 -17.67 -5.86 6.65
CA PRO A 175 -17.61 -7.26 6.20
C PRO A 175 -16.69 -7.46 5.01
N PHE A 176 -16.57 -6.45 4.15
CA PHE A 176 -15.63 -6.51 3.03
C PHE A 176 -14.19 -6.55 3.54
N PHE A 177 -13.86 -5.69 4.51
CA PHE A 177 -12.49 -5.66 5.04
C PHE A 177 -12.17 -6.90 5.87
N VAL A 178 -13.17 -7.48 6.55
CA VAL A 178 -12.96 -8.72 7.29
C VAL A 178 -12.54 -9.85 6.35
N THR A 179 -13.03 -9.84 5.12
CA THR A 179 -12.85 -10.98 4.24
C THR A 179 -11.89 -10.74 3.07
N ARG A 180 -11.49 -9.50 2.77
CA ARG A 180 -10.72 -9.36 1.55
C ARG A 180 -9.29 -9.88 1.70
N GLN A 181 -8.85 -10.14 2.93
CA GLN A 181 -7.56 -10.77 3.12
C GLN A 181 -7.43 -12.13 2.42
N VAL A 182 -8.54 -12.78 2.02
CA VAL A 182 -8.36 -14.04 1.31
C VAL A 182 -7.60 -13.84 0.00
N PHE A 183 -7.61 -12.64 -0.59
CA PHE A 183 -6.69 -12.37 -1.69
C PHE A 183 -5.68 -11.27 -1.40
N CYS A 184 -5.92 -10.41 -0.38
CA CYS A 184 -5.01 -9.31 -0.04
C CYS A 184 -3.93 -9.71 0.96
N GLY A 185 -4.09 -10.83 1.66
CA GLY A 185 -3.17 -11.14 2.75
C GLY A 185 -1.77 -11.42 2.24
N ALA A 186 -0.77 -10.95 3.01
CA ALA A 186 0.62 -11.21 2.67
C ALA A 186 1.20 -12.45 3.34
N GLY A 187 0.46 -13.06 4.25
CA GLY A 187 0.88 -14.27 4.97
C GLY A 187 1.73 -13.96 6.18
N ARG A 188 1.61 -14.81 7.19
CA ARG A 188 2.37 -14.60 8.41
C ARG A 188 2.58 -15.94 9.12
N VAL A 189 3.80 -16.16 9.62
CA VAL A 189 4.10 -17.33 10.45
C VAL A 189 4.04 -16.91 11.91
N GLY A 190 3.16 -17.54 12.68
CA GLY A 190 2.94 -17.14 14.06
C GLY A 190 1.51 -16.63 14.21
N ILE A 191 0.87 -16.98 15.32
CA ILE A 191 -0.54 -16.71 15.56
C ILE A 191 -0.64 -15.92 16.85
N GLY A 192 -1.43 -14.85 16.82
CA GLY A 192 -1.49 -13.93 17.95
C GLY A 192 -0.56 -12.77 17.75
N ALA A 193 -0.90 -11.63 18.35
CA ALA A 193 -0.08 -10.44 18.15
C ALA A 193 1.36 -10.67 18.61
N ASP A 194 1.53 -11.40 19.70
CA ASP A 194 2.88 -11.67 20.21
C ASP A 194 3.55 -12.84 19.54
N GLY A 195 2.89 -13.51 18.59
CA GLY A 195 3.52 -14.57 17.83
C GLY A 195 3.70 -15.87 18.59
N ARG A 196 3.04 -16.03 19.73
CA ARG A 196 3.29 -17.21 20.55
C ARG A 196 2.58 -18.46 20.06
N GLY A 197 1.48 -18.33 19.32
CA GLY A 197 0.83 -19.49 18.75
C GLY A 197 1.51 -19.95 17.48
N GLU A 198 1.48 -21.25 17.25
CA GLU A 198 2.17 -21.83 16.10
C GLU A 198 1.22 -21.99 14.95
N GLY A 199 1.71 -21.73 13.74
CA GLY A 199 0.93 -21.93 12.53
C GLY A 199 1.04 -20.77 11.59
N PHE A 200 0.33 -20.88 10.47
CA PHE A 200 0.37 -19.89 9.41
C PHE A 200 -0.97 -19.18 9.33
N GLN A 201 -0.95 -17.89 9.02
CA GLN A 201 -2.23 -17.18 8.85
C GLN A 201 -2.15 -16.27 7.64
N LEU A 202 -3.33 -15.84 7.18
CA LEU A 202 -3.42 -15.12 5.92
C LEU A 202 -2.82 -13.73 6.01
N SER A 203 -2.96 -13.07 7.15
CA SER A 203 -2.59 -11.65 7.15
C SER A 203 -1.70 -11.30 8.32
N GLN A 204 -0.82 -10.33 8.08
CA GLN A 204 0.04 -9.80 9.14
C GLN A 204 -0.73 -8.86 10.06
N ARG A 205 -1.68 -8.11 9.53
CA ARG A 205 -2.33 -7.08 10.32
C ARG A 205 -3.45 -7.58 11.23
N ALA A 206 -4.07 -8.74 10.93
CA ALA A 206 -5.36 -9.08 11.56
C ALA A 206 -5.27 -9.12 13.09
N ASP A 207 -4.16 -9.67 13.64
CA ASP A 207 -4.07 -9.83 15.10
C ASP A 207 -3.93 -8.49 15.82
N PHE A 208 -3.75 -7.39 15.11
CA PHE A 208 -3.54 -6.10 15.74
C PHE A 208 -4.80 -5.25 15.78
N PHE A 209 -5.93 -5.75 15.28
CA PHE A 209 -7.15 -4.98 15.29
C PHE A 209 -8.04 -5.38 16.45
N GLU A 210 -8.60 -4.38 17.12
CA GLU A 210 -9.27 -4.59 18.39
C GLU A 210 -10.67 -4.01 18.49
N VAL A 211 -11.05 -3.05 17.64
CA VAL A 211 -12.36 -2.42 17.70
C VAL A 211 -12.88 -2.26 16.27
N GLU A 212 -14.16 -1.90 16.16
CA GLU A 212 -14.78 -1.74 14.84
C GLU A 212 -14.48 -0.40 14.20
N VAL A 213 -14.57 0.68 14.97
CA VAL A 213 -14.51 2.04 14.43
C VAL A 213 -13.71 2.91 15.40
N GLY A 214 -12.86 3.78 14.88
CA GLY A 214 -12.15 4.68 15.77
C GLY A 214 -11.12 5.53 15.05
N LEU A 215 -10.44 6.36 15.84
CA LEU A 215 -9.41 7.26 15.34
C LEU A 215 -8.01 6.67 15.34
N GLU A 216 -7.78 5.63 16.13
CA GLU A 216 -6.41 5.16 16.35
C GLU A 216 -5.79 4.57 15.09
N THR A 217 -4.46 4.71 14.99
CA THR A 217 -3.71 3.93 14.01
C THR A 217 -2.54 3.13 14.59
N THR A 218 -2.14 3.37 15.85
CA THR A 218 -0.96 2.69 16.41
C THR A 218 -1.26 1.71 17.53
N LEU A 219 -2.48 1.72 18.06
CA LEU A 219 -2.90 0.82 19.13
C LEU A 219 -4.41 0.75 19.10
N LYS A 220 -4.97 -0.29 19.73
CA LYS A 220 -6.43 -0.51 19.74
C LYS A 220 -7.02 -0.22 18.37
N ARG A 221 -6.43 -0.83 17.35
CA ARG A 221 -6.70 -0.36 15.99
C ARG A 221 -8.10 -0.72 15.54
N PRO A 222 -8.76 0.18 14.81
CA PRO A 222 -10.12 -0.05 14.31
C PRO A 222 -10.15 -0.61 12.90
N ILE A 223 -11.12 -1.48 12.67
CA ILE A 223 -11.35 -1.95 11.30
C ILE A 223 -11.63 -0.77 10.37
N ILE A 224 -12.45 0.19 10.80
CA ILE A 224 -12.70 1.44 10.06
C ILE A 224 -12.08 2.59 10.82
N ASN A 225 -11.04 3.18 10.25
CA ASN A 225 -10.47 4.41 10.78
C ASN A 225 -11.31 5.61 10.32
N THR A 226 -11.52 6.59 11.21
CA THR A 226 -12.44 7.69 10.97
C THR A 226 -11.77 9.01 10.62
N ARG A 227 -10.44 9.08 10.57
CA ARG A 227 -9.79 10.35 10.26
C ARG A 227 -10.17 10.81 8.86
N ASP A 228 -10.50 12.10 8.71
CA ASP A 228 -11.06 12.62 7.44
C ASP A 228 -10.36 13.94 7.09
N GLU A 229 -9.20 13.83 6.44
CA GLU A 229 -8.32 14.97 6.16
C GLU A 229 -8.01 14.94 4.68
N PRO A 230 -8.90 15.47 3.84
CA PRO A 230 -8.75 15.26 2.39
C PRO A 230 -7.70 16.11 1.70
N HIS A 231 -7.11 17.10 2.38
CA HIS A 231 -6.17 18.00 1.71
C HIS A 231 -6.77 18.54 0.42
N ALA A 232 -8.08 18.79 0.49
CA ALA A 232 -8.92 19.27 -0.59
C ALA A 232 -10.13 19.91 0.07
N ASP A 233 -11.05 20.40 -0.74
CA ASP A 233 -12.23 21.11 -0.27
C ASP A 233 -13.07 20.20 0.63
N PRO A 234 -13.10 20.42 1.95
CA PRO A 234 -13.82 19.50 2.84
C PRO A 234 -15.33 19.62 2.76
N GLU A 235 -15.85 20.66 2.09
CA GLU A 235 -17.26 20.73 1.76
C GLU A 235 -17.64 19.77 0.65
N LYS A 236 -16.70 19.42 -0.23
CA LYS A 236 -16.96 18.50 -1.33
C LYS A 236 -16.56 17.05 -1.05
N TYR A 237 -15.45 16.84 -0.33
CA TYR A 237 -14.77 15.55 -0.33
C TYR A 237 -14.56 14.99 1.07
N ARG A 238 -14.68 13.68 1.16
CA ARG A 238 -14.13 12.89 2.25
C ARG A 238 -12.92 12.12 1.74
N ARG A 239 -11.85 12.06 2.54
CA ARG A 239 -10.76 11.13 2.27
C ARG A 239 -10.95 9.95 3.20
N LEU A 240 -11.24 8.78 2.64
CA LEU A 240 -11.35 7.56 3.45
C LEU A 240 -9.95 7.00 3.66
N HIS A 241 -9.58 6.82 4.92
CA HIS A 241 -8.23 6.42 5.33
C HIS A 241 -8.34 4.99 5.83
N VAL A 242 -7.84 4.04 5.03
CA VAL A 242 -7.97 2.61 5.31
C VAL A 242 -6.65 2.11 5.84
N ILE A 243 -6.67 1.42 6.99
CA ILE A 243 -5.43 1.02 7.65
C ILE A 243 -5.33 -0.50 7.83
N ILE A 244 -6.29 -1.27 7.34
CA ILE A 244 -6.31 -2.68 7.71
C ILE A 244 -5.50 -3.59 6.79
N GLY A 245 -5.05 -3.10 5.63
CA GLY A 245 -4.38 -3.97 4.68
C GLY A 245 -2.90 -4.23 4.98
N ASP A 246 -2.45 -5.44 4.67
CA ASP A 246 -1.02 -5.74 4.59
C ASP A 246 -0.41 -5.02 3.38
N ALA A 247 0.84 -4.60 3.53
CA ALA A 247 1.62 -4.27 2.35
C ALA A 247 1.77 -5.50 1.47
N ASN A 248 1.62 -5.34 0.15
CA ASN A 248 1.76 -6.46 -0.77
C ASN A 248 2.98 -6.27 -1.66
N MET A 249 3.67 -7.37 -1.94
CA MET A 249 4.71 -7.35 -2.96
C MET A 249 4.09 -7.62 -4.33
N SER A 250 3.27 -8.66 -4.40
CA SER A 250 2.56 -9.02 -5.62
C SER A 250 1.76 -7.86 -6.19
N GLU A 251 2.05 -7.54 -7.45
CA GLU A 251 1.31 -6.49 -8.15
C GLU A 251 -0.16 -6.87 -8.35
N ILE A 252 -0.43 -8.17 -8.51
CA ILE A 252 -1.82 -8.59 -8.67
C ILE A 252 -2.58 -8.35 -7.39
N ALA A 253 -1.95 -8.63 -6.25
CA ALA A 253 -2.60 -8.42 -4.96
C ALA A 253 -2.86 -6.92 -4.71
N THR A 254 -1.88 -6.06 -4.99
CA THR A 254 -2.10 -4.64 -4.76
C THR A 254 -3.19 -4.11 -5.70
N TYR A 255 -3.18 -4.56 -6.95
CA TYR A 255 -4.20 -4.20 -7.92
C TYR A 255 -5.59 -4.58 -7.43
N LEU A 256 -5.77 -5.83 -6.97
CA LEU A 256 -7.07 -6.25 -6.49
C LEU A 256 -7.48 -5.49 -5.23
N LYS A 257 -6.53 -5.28 -4.32
CA LYS A 257 -6.81 -4.57 -3.08
C LYS A 257 -7.41 -3.19 -3.37
N LEU A 258 -6.73 -2.42 -4.20
CA LEU A 258 -7.19 -1.07 -4.50
C LEU A 258 -8.40 -1.07 -5.42
N GLY A 259 -8.41 -1.97 -6.42
CA GLY A 259 -9.45 -1.92 -7.43
C GLY A 259 -10.80 -2.43 -6.93
N THR A 260 -10.79 -3.54 -6.18
CA THR A 260 -12.04 -4.05 -5.62
C THR A 260 -12.61 -3.09 -4.57
N THR A 261 -11.75 -2.54 -3.72
CA THR A 261 -12.23 -1.56 -2.74
C THR A 261 -12.87 -0.37 -3.43
N ALA A 262 -12.26 0.13 -4.51
CA ALA A 262 -12.82 1.28 -5.22
C ALA A 262 -14.19 0.97 -5.79
N LEU A 263 -14.39 -0.27 -6.28
CA LEU A 263 -15.71 -0.66 -6.80
C LEU A 263 -16.75 -0.72 -5.69
N VAL A 264 -16.37 -1.26 -4.53
CA VAL A 264 -17.30 -1.31 -3.39
C VAL A 264 -17.65 0.09 -2.93
N LEU A 265 -16.67 1.00 -2.91
CA LEU A 265 -16.96 2.39 -2.55
C LEU A 265 -17.95 3.03 -3.51
N ALA A 266 -17.85 2.74 -4.80
CA ALA A 266 -18.81 3.29 -5.76
C ALA A 266 -20.21 2.81 -5.43
N MET A 267 -20.37 1.52 -5.09
CA MET A 267 -21.68 1.03 -4.70
C MET A 267 -22.17 1.67 -3.42
N ILE A 268 -21.29 1.87 -2.44
CA ILE A 268 -21.72 2.51 -1.20
C ILE A 268 -22.14 3.95 -1.46
N GLU A 269 -21.34 4.70 -2.22
CA GLU A 269 -21.68 6.09 -2.53
C GLU A 269 -23.07 6.18 -3.16
N ASP A 270 -23.39 5.25 -4.06
CA ASP A 270 -24.63 5.31 -4.82
C ASP A 270 -25.81 4.68 -4.09
N GLY A 271 -25.62 4.19 -2.87
CA GLY A 271 -26.72 3.55 -2.16
C GLY A 271 -27.22 2.28 -2.81
N PHE A 272 -26.34 1.58 -3.53
CA PHE A 272 -26.74 0.42 -4.32
C PHE A 272 -26.90 -0.85 -3.49
N LEU A 273 -26.19 -0.98 -2.38
CA LEU A 273 -26.24 -2.23 -1.61
C LEU A 273 -27.49 -2.25 -0.73
N SER A 274 -28.43 -3.13 -1.06
CA SER A 274 -29.63 -3.28 -0.26
C SER A 274 -29.51 -4.40 0.78
N GLN A 275 -28.60 -5.34 0.58
CA GLN A 275 -28.41 -6.45 1.52
C GLN A 275 -27.74 -5.95 2.80
N ASP A 276 -27.90 -6.73 3.86
CA ASP A 276 -27.18 -6.52 5.10
C ASP A 276 -26.09 -7.58 5.17
N PHE A 277 -24.83 -7.16 5.03
CA PHE A 277 -23.69 -8.08 5.11
C PHE A 277 -23.09 -8.15 6.50
N SER A 278 -23.66 -7.45 7.48
CA SER A 278 -23.02 -7.35 8.78
CA SER A 278 -23.05 -7.34 8.80
C SER A 278 -22.91 -8.72 9.44
N VAL A 279 -21.84 -8.88 10.22
CA VAL A 279 -21.52 -10.17 10.83
C VAL A 279 -21.43 -10.00 12.34
N GLU A 280 -21.66 -11.10 13.03
CA GLU A 280 -21.46 -11.12 14.47
C GLU A 280 -19.98 -11.07 14.79
N SER A 281 -19.64 -10.27 15.80
CA SER A 281 -18.27 -10.22 16.33
C SER A 281 -17.24 -10.00 15.23
N PRO A 282 -17.31 -8.89 14.48
CA PRO A 282 -16.43 -8.74 13.31
C PRO A 282 -14.94 -8.72 13.64
N VAL A 283 -14.53 -8.23 14.81
CA VAL A 283 -13.10 -8.28 15.13
C VAL A 283 -12.66 -9.72 15.34
N GLY A 284 -13.45 -10.49 16.08
CA GLY A 284 -13.16 -11.92 16.21
C GLY A 284 -13.19 -12.64 14.89
N ALA A 285 -14.09 -12.23 13.98
CA ALA A 285 -14.17 -12.87 12.67
C ALA A 285 -12.95 -12.54 11.83
N LEU A 286 -12.44 -11.30 11.93
CA LEU A 286 -11.23 -10.93 11.20
C LEU A 286 -10.08 -11.87 11.56
N ARG A 287 -9.90 -12.11 12.86
CA ARG A 287 -8.83 -12.98 13.32
CA ARG A 287 -8.83 -12.97 13.32
C ARG A 287 -9.08 -14.43 12.90
N ALA A 288 -10.32 -14.89 13.04
CA ALA A 288 -10.62 -16.28 12.72
C ALA A 288 -10.44 -16.56 11.23
N VAL A 289 -10.80 -15.60 10.38
CA VAL A 289 -10.57 -15.78 8.95
C VAL A 289 -9.08 -15.87 8.69
N SER A 290 -8.29 -14.96 9.30
CA SER A 290 -6.85 -14.98 9.06
C SER A 290 -6.25 -16.30 9.52
N HIS A 291 -6.66 -16.77 10.69
CA HIS A 291 -6.09 -17.97 11.27
C HIS A 291 -6.51 -19.26 10.59
N ASP A 292 -7.38 -19.22 9.57
CA ASP A 292 -7.77 -20.43 8.86
C ASP A 292 -7.38 -20.35 7.38
N PRO A 293 -6.14 -20.68 7.04
CA PRO A 293 -5.75 -20.66 5.62
C PRO A 293 -6.34 -21.79 4.79
N THR A 294 -7.12 -22.71 5.38
CA THR A 294 -7.90 -23.63 4.56
C THR A 294 -9.15 -22.98 3.99
N LEU A 295 -9.50 -21.78 4.47
CA LEU A 295 -10.57 -20.96 3.91
C LEU A 295 -11.94 -21.57 4.12
N ARG A 296 -12.12 -22.32 5.22
CA ARG A 296 -13.39 -22.95 5.52
C ARG A 296 -14.16 -22.30 6.65
N TYR A 297 -13.52 -21.47 7.47
CA TYR A 297 -14.21 -20.79 8.55
C TYR A 297 -15.44 -20.03 8.04
N GLN A 298 -16.56 -20.18 8.74
CA GLN A 298 -17.80 -19.53 8.34
C GLN A 298 -18.12 -18.34 9.22
N LEU A 299 -18.31 -17.18 8.58
CA LEU A 299 -18.84 -16.02 9.29
C LEU A 299 -20.32 -16.20 9.58
N ARG A 300 -20.76 -15.63 10.70
CA ARG A 300 -22.16 -15.68 11.09
C ARG A 300 -22.79 -14.32 10.80
N LEU A 301 -23.51 -14.22 9.68
CA LEU A 301 -24.14 -12.97 9.32
C LEU A 301 -25.37 -12.71 10.19
N HIS A 302 -25.64 -11.42 10.44
CA HIS A 302 -26.80 -11.05 11.25
C HIS A 302 -28.10 -11.52 10.62
N ASP A 303 -28.17 -11.59 9.30
CA ASP A 303 -29.40 -12.03 8.65
C ASP A 303 -29.58 -13.54 8.70
N GLY A 304 -28.69 -14.26 9.36
CA GLY A 304 -28.81 -15.69 9.54
C GLY A 304 -27.92 -16.54 8.66
N ARG A 305 -27.37 -15.98 7.58
CA ARG A 305 -26.53 -16.77 6.69
C ARG A 305 -25.23 -17.16 7.37
N ARG A 306 -24.65 -18.26 6.91
CA ARG A 306 -23.33 -18.72 7.29
C ARG A 306 -22.53 -18.83 6.01
N LEU A 307 -21.51 -17.99 5.87
CA LEU A 307 -20.73 -17.90 4.63
C LEU A 307 -19.25 -17.90 4.99
N THR A 308 -18.45 -18.58 4.18
CA THR A 308 -17.02 -18.42 4.32
C THR A 308 -16.61 -17.03 3.82
N ALA A 309 -15.37 -16.64 4.13
CA ALA A 309 -14.89 -15.35 3.64
C ALA A 309 -14.90 -15.31 2.12
N VAL A 310 -14.53 -16.41 1.46
CA VAL A 310 -14.57 -16.44 0.00
C VAL A 310 -16.00 -16.28 -0.49
N GLN A 311 -16.96 -16.96 0.16
CA GLN A 311 -18.36 -16.82 -0.23
C GLN A 311 -18.88 -15.40 -0.04
N LEU A 312 -18.51 -14.75 1.07
CA LEU A 312 -18.96 -13.38 1.26
C LEU A 312 -18.33 -12.44 0.23
N GLN A 313 -17.05 -12.64 -0.11
CA GLN A 313 -16.45 -11.87 -1.19
C GLN A 313 -17.20 -12.07 -2.50
N MET A 314 -17.64 -13.30 -2.76
CA MET A 314 -18.40 -13.53 -4.00
CA MET A 314 -18.41 -13.56 -3.98
C MET A 314 -19.70 -12.75 -4.01
N GLU A 315 -20.32 -12.53 -2.84
CA GLU A 315 -21.53 -11.71 -2.79
C GLU A 315 -21.23 -10.26 -3.16
N TYR A 316 -20.12 -9.70 -2.66
CA TYR A 316 -19.74 -8.35 -3.08
C TYR A 316 -19.42 -8.28 -4.57
N LEU A 317 -18.73 -9.30 -5.08
CA LEU A 317 -18.40 -9.32 -6.50
C LEU A 317 -19.67 -9.35 -7.35
N GLU A 318 -20.64 -10.18 -6.95
CA GLU A 318 -21.89 -10.25 -7.71
C GLU A 318 -22.60 -8.91 -7.74
N GLN A 319 -22.65 -8.21 -6.60
CA GLN A 319 -23.26 -6.89 -6.58
C GLN A 319 -22.49 -5.92 -7.46
N ALA A 320 -21.15 -5.97 -7.42
CA ALA A 320 -20.37 -5.06 -8.24
C ALA A 320 -20.63 -5.30 -9.73
N ARG A 321 -20.79 -6.56 -10.12
CA ARG A 321 -21.14 -6.84 -11.51
C ARG A 321 -22.49 -6.25 -11.88
N LYS A 322 -23.50 -6.43 -11.00
CA LYS A 322 -24.82 -5.87 -11.28
C LYS A 322 -24.76 -4.35 -11.33
N TYR A 323 -24.00 -3.75 -10.41
CA TYR A 323 -23.86 -2.30 -10.40
C TYR A 323 -23.32 -1.78 -11.73
N VAL A 324 -22.23 -2.37 -12.20
CA VAL A 324 -21.60 -1.91 -13.43
C VAL A 324 -22.51 -2.16 -14.63
N GLU A 325 -23.18 -3.31 -14.69
CA GLU A 325 -24.15 -3.58 -15.76
C GLU A 325 -25.29 -2.56 -15.74
N ASP A 326 -25.84 -2.29 -14.56
CA ASP A 326 -26.96 -1.36 -14.44
C ASP A 326 -26.57 0.04 -14.86
N ARG A 327 -25.34 0.47 -14.50
CA ARG A 327 -24.95 1.85 -14.74
C ARG A 327 -24.47 2.06 -16.17
N PHE A 328 -23.75 1.10 -16.74
CA PHE A 328 -23.02 1.32 -17.98
C PHE A 328 -23.38 0.36 -19.11
N GLY A 329 -24.03 -0.75 -18.82
CA GLY A 329 -24.28 -1.73 -19.87
C GLY A 329 -22.97 -2.43 -20.23
N THR A 330 -22.65 -2.45 -21.52
CA THR A 330 -21.34 -2.92 -21.98
C THR A 330 -20.37 -1.76 -22.23
N ASP A 331 -20.79 -0.53 -21.92
CA ASP A 331 -19.96 0.67 -22.04
C ASP A 331 -19.03 0.82 -20.85
N VAL A 332 -18.62 -0.31 -20.28
CA VAL A 332 -17.72 -0.34 -19.14
C VAL A 332 -16.29 -0.06 -19.60
N ASP A 333 -15.54 0.73 -18.84
CA ASP A 333 -14.14 0.94 -19.17
C ASP A 333 -13.34 -0.34 -18.95
N ASP A 334 -12.26 -0.50 -19.74
CA ASP A 334 -11.53 -1.76 -19.76
C ASP A 334 -10.95 -2.12 -18.40
N MET A 335 -10.51 -1.12 -17.62
CA MET A 335 -9.88 -1.46 -16.35
C MET A 335 -10.89 -1.98 -15.35
N THR A 336 -12.08 -1.36 -15.31
CA THR A 336 -13.15 -1.88 -14.45
C THR A 336 -13.50 -3.31 -14.83
N ARG A 337 -13.62 -3.59 -16.13
CA ARG A 337 -13.89 -4.96 -16.55
C ARG A 337 -12.78 -5.90 -16.09
N ASP A 338 -11.53 -5.46 -16.18
CA ASP A 338 -10.40 -6.30 -15.79
C ASP A 338 -10.39 -6.57 -14.30
N VAL A 339 -10.69 -5.55 -13.48
CA VAL A 339 -10.76 -5.76 -12.03
C VAL A 339 -11.84 -6.78 -11.72
N LEU A 340 -13.02 -6.63 -12.32
CA LEU A 340 -14.10 -7.59 -12.06
C LEU A 340 -13.68 -8.99 -12.47
N ASP A 341 -13.06 -9.14 -13.64
CA ASP A 341 -12.67 -10.46 -14.13
C ASP A 341 -11.63 -11.11 -13.22
N ARG A 342 -10.62 -10.33 -12.79
CA ARG A 342 -9.58 -10.89 -11.92
C ARG A 342 -10.12 -11.19 -10.53
N TRP A 343 -11.01 -10.33 -10.03
CA TRP A 343 -11.64 -10.58 -8.73
C TRP A 343 -12.39 -11.91 -8.75
N GLU A 344 -13.21 -12.11 -9.77
CA GLU A 344 -14.00 -13.33 -9.85
C GLU A 344 -13.11 -14.55 -10.06
N THR A 345 -12.16 -14.48 -11.00
CA THR A 345 -11.25 -15.58 -11.26
C THR A 345 -10.48 -15.97 -10.00
N THR A 346 -9.99 -14.97 -9.26
CA THR A 346 -9.27 -15.27 -8.03
C THR A 346 -10.16 -15.98 -7.00
N LEU A 347 -11.40 -15.51 -6.84
CA LEU A 347 -12.27 -16.12 -5.83
C LEU A 347 -12.63 -17.55 -6.23
N VAL A 348 -12.87 -17.77 -7.53
CA VAL A 348 -13.18 -19.12 -8.00
C VAL A 348 -12.01 -20.06 -7.74
N ARG A 349 -10.78 -19.61 -8.03
CA ARG A 349 -9.62 -20.45 -7.78
C ARG A 349 -9.34 -20.63 -6.29
N LEU A 350 -9.63 -19.62 -5.46
CA LEU A 350 -9.49 -19.79 -4.02
C LEU A 350 -10.41 -20.88 -3.49
N ALA A 351 -11.64 -20.94 -4.01
CA ALA A 351 -12.57 -21.95 -3.53
C ALA A 351 -12.27 -23.33 -4.10
N ASP A 352 -11.61 -23.37 -5.26
CA ASP A 352 -11.22 -24.64 -5.88
C ASP A 352 -9.95 -25.20 -5.22
N ASP A 353 -8.84 -24.48 -5.36
CA ASP A 353 -7.55 -24.90 -4.79
C ASP A 353 -6.66 -23.67 -4.69
N PRO A 354 -6.51 -23.09 -3.50
CA PRO A 354 -5.76 -21.83 -3.41
C PRO A 354 -4.34 -21.92 -3.92
N MET A 355 -3.73 -23.12 -3.92
CA MET A 355 -2.32 -23.17 -4.30
C MET A 355 -2.10 -22.95 -5.79
N GLN A 356 -3.13 -22.98 -6.62
CA GLN A 356 -2.94 -22.60 -8.00
C GLN A 356 -2.71 -21.10 -8.17
N LEU A 357 -2.83 -20.32 -7.10
CA LEU A 357 -2.62 -18.88 -7.14
C LEU A 357 -1.22 -18.50 -6.65
N SER A 358 -0.29 -19.44 -6.62
CA SER A 358 1.06 -19.20 -6.08
C SER A 358 1.86 -18.20 -6.90
N ARG A 359 1.47 -17.92 -8.13
CA ARG A 359 2.08 -16.88 -8.94
CA ARG A 359 2.10 -16.88 -8.92
C ARG A 359 1.38 -15.54 -8.85
N ASP A 360 0.30 -15.44 -8.07
CA ASP A 360 -0.51 -14.23 -8.04
C ASP A 360 -0.63 -13.58 -6.67
N LEU A 361 -0.78 -14.36 -5.60
CA LEU A 361 -1.09 -13.79 -4.28
C LEU A 361 0.10 -13.99 -3.35
N ASP A 362 0.35 -12.99 -2.49
CA ASP A 362 1.51 -13.08 -1.61
C ASP A 362 1.39 -14.23 -0.63
N TRP A 363 0.24 -14.38 0.04
CA TRP A 363 0.21 -15.41 1.08
C TRP A 363 0.35 -16.79 0.47
N VAL A 364 -0.16 -16.98 -0.75
CA VAL A 364 -0.03 -18.28 -1.41
C VAL A 364 1.41 -18.51 -1.86
N ALA A 365 2.03 -17.50 -2.48
CA ALA A 365 3.43 -17.65 -2.90
C ALA A 365 4.32 -17.95 -1.71
N LYS A 366 4.08 -17.24 -0.59
CA LYS A 366 4.89 -17.46 0.61
C LYS A 366 4.61 -18.84 1.20
N LEU A 367 3.33 -19.22 1.31
CA LEU A 367 2.99 -20.53 1.85
C LEU A 367 3.59 -21.66 1.02
N SER A 368 3.67 -21.48 -0.30
CA SER A 368 4.24 -22.52 -1.15
CA SER A 368 4.24 -22.52 -1.15
C SER A 368 5.70 -22.77 -0.81
N ILE A 369 6.47 -21.70 -0.59
CA ILE A 369 7.86 -21.85 -0.12
C ILE A 369 7.89 -22.51 1.26
N LEU A 370 7.05 -22.01 2.17
CA LEU A 370 7.05 -22.52 3.54
C LEU A 370 6.74 -24.01 3.58
N GLU A 371 5.71 -24.44 2.84
CA GLU A 371 5.36 -25.85 2.83
C GLU A 371 6.41 -26.68 2.10
N GLY A 372 7.06 -26.09 1.09
CA GLY A 372 8.19 -26.77 0.46
C GLY A 372 9.27 -27.13 1.46
N TYR A 373 9.67 -26.18 2.31
CA TYR A 373 10.68 -26.46 3.33
C TYR A 373 10.17 -27.42 4.39
N ARG A 374 8.92 -27.26 4.81
CA ARG A 374 8.36 -28.17 5.81
C ARG A 374 8.41 -29.61 5.31
N GLN A 375 8.14 -29.81 4.02
CA GLN A 375 8.15 -31.14 3.44
C GLN A 375 9.58 -31.64 3.26
N ARG A 376 10.45 -30.78 2.72
CA ARG A 376 11.82 -31.19 2.43
CA ARG A 376 11.83 -31.17 2.43
C ARG A 376 12.61 -31.46 3.70
N GLU A 377 12.44 -30.65 4.74
CA GLU A 377 13.29 -30.73 5.92
C GLU A 377 12.53 -31.14 7.19
N ASN A 378 11.26 -31.53 7.08
CA ASN A 378 10.47 -32.00 8.22
CA ASN A 378 10.46 -31.99 8.22
C ASN A 378 10.42 -30.94 9.32
N LEU A 379 10.11 -29.70 8.93
CA LEU A 379 10.15 -28.62 9.92
C LEU A 379 8.78 -28.42 10.56
N PRO A 380 8.75 -28.26 11.88
CA PRO A 380 7.52 -27.81 12.54
C PRO A 380 7.29 -26.31 12.30
N TRP A 381 6.07 -25.86 12.61
CA TRP A 381 5.75 -24.45 12.36
C TRP A 381 6.50 -23.49 13.27
N SER A 382 7.16 -23.99 14.31
CA SER A 382 7.96 -23.15 15.21
C SER A 382 9.38 -22.94 14.72
N ALA A 383 9.77 -23.54 13.59
CA ALA A 383 11.15 -23.51 13.13
C ALA A 383 11.56 -22.09 12.75
N HIS A 384 12.76 -21.68 13.18
CA HIS A 384 13.20 -20.31 12.90
CA HIS A 384 13.20 -20.31 12.90
C HIS A 384 13.40 -20.07 11.41
N LYS A 385 13.70 -21.12 10.63
CA LYS A 385 13.86 -20.92 9.19
C LYS A 385 12.54 -20.48 8.55
N LEU A 386 11.41 -20.94 9.06
CA LEU A 386 10.13 -20.48 8.52
C LEU A 386 9.89 -19.01 8.85
N GLN A 387 10.30 -18.59 10.05
CA GLN A 387 10.21 -17.17 10.41
C GLN A 387 11.08 -16.32 9.48
N LEU A 388 12.26 -16.83 9.12
CA LEU A 388 13.14 -16.06 8.24
C LEU A 388 12.54 -15.91 6.85
N VAL A 389 11.96 -16.99 6.30
CA VAL A 389 11.30 -16.90 5.00
C VAL A 389 10.16 -15.87 5.04
N ASP A 390 9.37 -15.88 6.13
CA ASP A 390 8.25 -14.96 6.30
C ASP A 390 8.70 -13.51 6.20
N LEU A 391 9.85 -13.20 6.79
CA LEU A 391 10.34 -11.82 6.79
CA LEU A 391 10.35 -11.82 6.80
C LEU A 391 11.09 -11.48 5.51
N GLN A 392 12.01 -12.35 5.08
CA GLN A 392 12.88 -12.03 3.96
C GLN A 392 12.13 -11.99 2.63
N TYR A 393 10.91 -12.57 2.59
CA TYR A 393 10.06 -12.43 1.42
C TYR A 393 9.90 -10.97 1.01
N HIS A 394 9.89 -10.05 2.00
CA HIS A 394 9.60 -8.64 1.82
C HIS A 394 10.84 -7.75 1.74
N ASP A 395 12.04 -8.33 1.77
CA ASP A 395 13.28 -7.56 1.61
C ASP A 395 13.32 -6.89 0.24
N VAL A 396 13.60 -5.57 0.22
CA VAL A 396 13.51 -4.82 -1.04
C VAL A 396 14.70 -5.07 -1.97
N ARG A 397 15.74 -5.73 -1.50
CA ARG A 397 16.90 -5.99 -2.36
C ARG A 397 16.53 -6.93 -3.49
N PRO A 398 16.90 -6.60 -4.73
CA PRO A 398 16.59 -7.51 -5.85
C PRO A 398 17.33 -8.83 -5.77
N ASP A 399 18.53 -8.84 -5.18
CA ASP A 399 19.37 -10.02 -5.07
C ASP A 399 19.06 -10.90 -3.86
N ARG A 400 18.35 -10.38 -2.85
CA ARG A 400 18.13 -11.13 -1.62
C ARG A 400 16.67 -11.30 -1.24
N GLY A 401 15.77 -10.39 -1.62
CA GLY A 401 14.38 -10.52 -1.22
C GLY A 401 13.73 -11.70 -1.94
N LEU A 402 12.94 -12.49 -1.21
CA LEU A 402 12.49 -13.76 -1.79
C LEU A 402 11.44 -13.52 -2.87
N TYR A 403 10.51 -12.58 -2.64
CA TYR A 403 9.59 -12.20 -3.72
C TYR A 403 10.36 -11.75 -4.95
N ASN A 404 11.40 -10.94 -4.75
CA ASN A 404 12.18 -10.50 -5.89
C ASN A 404 12.89 -11.66 -6.60
N ARG A 405 13.32 -12.69 -5.85
CA ARG A 405 13.92 -13.86 -6.49
C ARG A 405 12.89 -14.64 -7.30
N LEU A 406 11.65 -14.74 -6.77
CA LEU A 406 10.58 -15.38 -7.52
C LEU A 406 10.35 -14.66 -8.85
N VAL A 407 10.33 -13.33 -8.84
CA VAL A 407 10.15 -12.56 -10.07
C VAL A 407 11.30 -12.83 -11.04
N ALA A 408 12.53 -12.80 -10.52
CA ALA A 408 13.70 -13.03 -11.36
C ALA A 408 13.67 -14.39 -12.04
N ARG A 409 13.07 -15.39 -11.39
CA ARG A 409 13.00 -16.74 -11.94
C ARG A 409 11.70 -16.99 -12.70
N GLY A 410 10.92 -15.95 -12.97
CA GLY A 410 9.67 -16.11 -13.70
C GLY A 410 8.60 -16.86 -12.95
N ARG A 411 8.61 -16.82 -11.62
CA ARG A 411 7.62 -17.54 -10.82
C ARG A 411 6.60 -16.60 -10.18
N MET A 412 6.42 -15.40 -10.73
CA MET A 412 5.44 -14.46 -10.22
CA MET A 412 5.41 -14.48 -10.22
C MET A 412 4.87 -13.68 -11.40
N ASN A 413 3.55 -13.55 -11.45
CA ASN A 413 2.93 -12.78 -12.51
C ASN A 413 3.02 -11.29 -12.20
N LEU A 414 3.36 -10.51 -13.22
CA LEU A 414 3.49 -9.07 -13.10
C LEU A 414 2.33 -8.38 -13.81
N LEU A 415 2.05 -7.15 -13.36
CA LEU A 415 1.02 -6.32 -13.96
C LEU A 415 1.58 -5.17 -14.77
N VAL A 416 2.75 -4.66 -14.39
CA VAL A 416 3.40 -3.55 -15.05
C VAL A 416 4.81 -4.00 -15.41
N ASP A 417 5.47 -3.26 -16.29
CA ASP A 417 6.81 -3.66 -16.66
C ASP A 417 7.85 -2.75 -16.01
N GLU A 418 9.05 -3.29 -15.86
CA GLU A 418 10.06 -2.62 -15.06
C GLU A 418 10.47 -1.28 -15.64
N ALA A 419 10.49 -1.13 -16.98
CA ALA A 419 10.79 0.17 -17.56
C ALA A 419 9.80 1.23 -17.10
N ALA A 420 8.51 0.88 -17.00
CA ALA A 420 7.53 1.87 -16.56
C ALA A 420 7.70 2.18 -15.07
N VAL A 421 8.08 1.17 -14.28
CA VAL A 421 8.33 1.40 -12.85
C VAL A 421 9.47 2.39 -12.67
N ARG A 422 10.57 2.19 -13.43
CA ARG A 422 11.71 3.09 -13.32
C ARG A 422 11.34 4.51 -13.72
N THR A 423 10.51 4.68 -14.77
CA THR A 423 10.08 6.01 -15.14
C THR A 423 9.23 6.63 -14.03
N ALA A 424 8.36 5.84 -13.39
CA ALA A 424 7.51 6.36 -12.33
C ALA A 424 8.29 6.75 -11.08
N MET A 425 9.56 6.33 -10.96
CA MET A 425 10.35 6.81 -9.83
C MET A 425 10.60 8.30 -9.92
N HIS A 426 10.60 8.87 -11.14
CA HIS A 426 10.91 10.29 -11.28
C HIS A 426 9.90 11.10 -12.07
N GLU A 427 8.89 10.48 -12.66
CA GLU A 427 7.86 11.25 -13.35
CA GLU A 427 7.86 11.24 -13.36
C GLU A 427 6.52 11.05 -12.66
N PRO A 428 5.74 12.11 -12.51
CA PRO A 428 4.44 12.00 -11.83
C PRO A 428 3.35 11.49 -12.75
N PRO A 429 2.23 11.06 -12.19
CA PRO A 429 1.02 10.83 -13.00
C PRO A 429 0.62 12.09 -13.72
N ASN A 430 0.03 11.92 -14.92
CA ASN A 430 -0.37 13.06 -15.74
C ASN A 430 -1.76 13.60 -15.43
N ASP A 431 -2.57 12.86 -14.66
CA ASP A 431 -3.99 13.15 -14.55
C ASP A 431 -4.43 13.52 -13.13
N THR A 432 -3.49 13.92 -12.28
CA THR A 432 -3.83 14.51 -10.98
C THR A 432 -2.94 15.73 -10.77
N ARG A 433 -3.22 16.43 -9.68
CA ARG A 433 -2.39 17.57 -9.28
C ARG A 433 -0.96 17.17 -8.93
N ALA A 434 -0.67 15.87 -8.75
CA ALA A 434 0.73 15.45 -8.60
C ALA A 434 1.55 15.84 -9.82
N TYR A 435 0.92 15.96 -10.99
CA TYR A 435 1.64 16.40 -12.18
C TYR A 435 2.32 17.76 -11.97
N PHE A 436 1.56 18.75 -11.51
CA PHE A 436 2.12 20.07 -11.26
C PHE A 436 3.21 20.00 -10.20
N ARG A 437 2.92 19.32 -9.10
CA ARG A 437 3.87 19.23 -7.99
C ARG A 437 5.19 18.63 -8.46
N GLY A 438 5.14 17.47 -9.11
CA GLY A 438 6.37 16.79 -9.50
C GLY A 438 7.13 17.51 -10.59
N ARG A 439 6.43 18.08 -11.57
CA ARG A 439 7.12 18.78 -12.64
C ARG A 439 7.74 20.09 -12.18
N CYS A 440 7.09 20.78 -11.24
CA CYS A 440 7.69 21.98 -10.68
C CYS A 440 8.99 21.64 -9.98
N LEU A 441 9.02 20.55 -9.22
CA LEU A 441 10.24 20.20 -8.51
C LEU A 441 11.34 19.77 -9.47
N ALA A 442 10.98 19.10 -10.56
CA ALA A 442 11.97 18.68 -11.53
C ALA A 442 12.53 19.88 -12.29
N LYS A 443 11.69 20.86 -12.60
CA LYS A 443 12.08 21.95 -13.48
C LYS A 443 12.56 23.18 -12.71
N PHE A 444 11.96 23.48 -11.57
CA PHE A 444 12.28 24.68 -10.79
C PHE A 444 12.65 24.33 -9.36
N GLY A 445 13.29 23.16 -9.16
CA GLY A 445 13.52 22.68 -7.81
C GLY A 445 14.23 23.67 -6.91
N ALA A 446 15.26 24.33 -7.45
CA ALA A 446 16.03 25.28 -6.65
C ALA A 446 15.15 26.40 -6.11
N GLU A 447 14.07 26.74 -6.80
CA GLU A 447 13.20 27.83 -6.39
C GLU A 447 11.94 27.35 -5.67
N ILE A 448 11.87 26.07 -5.29
CA ILE A 448 10.75 25.56 -4.51
C ILE A 448 11.14 25.60 -3.04
N ALA A 449 10.45 26.42 -2.25
CA ALA A 449 10.75 26.44 -0.82
C ALA A 449 10.19 25.22 -0.12
N ALA A 450 8.96 24.82 -0.46
CA ALA A 450 8.32 23.69 0.18
C ALA A 450 7.14 23.27 -0.69
N ALA A 451 6.62 22.07 -0.42
CA ALA A 451 5.45 21.61 -1.14
C ALA A 451 4.70 20.64 -0.24
N SER A 452 3.42 20.45 -0.54
CA SER A 452 2.58 19.50 0.18
C SER A 452 1.54 18.99 -0.81
N TRP A 453 0.59 18.19 -0.32
CA TRP A 453 -0.48 17.72 -1.21
C TRP A 453 -1.30 18.89 -1.74
N ASP A 454 -1.43 19.98 -0.98
CA ASP A 454 -2.34 21.03 -1.41
C ASP A 454 -1.66 22.36 -1.68
N SER A 455 -0.33 22.40 -1.81
CA SER A 455 0.31 23.65 -2.18
C SER A 455 1.70 23.39 -2.74
N VAL A 456 2.18 24.36 -3.52
CA VAL A 456 3.60 24.46 -3.86
C VAL A 456 4.03 25.88 -3.51
N ILE A 457 5.14 26.02 -2.80
CA ILE A 457 5.59 27.33 -2.32
C ILE A 457 6.89 27.68 -3.01
N PHE A 458 6.90 28.82 -3.69
CA PHE A 458 8.03 29.26 -4.48
C PHE A 458 8.82 30.32 -3.73
N ASP A 459 10.13 30.28 -3.91
CA ASP A 459 11.05 31.28 -3.36
C ASP A 459 11.68 31.97 -4.55
N LEU A 460 11.17 33.14 -4.91
CA LEU A 460 11.58 33.78 -6.14
C LEU A 460 12.68 34.79 -5.89
N PRO A 461 13.66 34.87 -6.79
CA PRO A 461 14.76 35.83 -6.61
C PRO A 461 14.23 37.26 -6.59
N GLY A 462 14.77 38.05 -5.66
CA GLY A 462 14.33 39.42 -5.51
C GLY A 462 12.99 39.61 -4.86
N ARG A 463 12.53 38.63 -4.07
CA ARG A 463 11.26 38.71 -3.38
C ARG A 463 11.46 38.36 -1.91
N ASP A 464 10.97 39.23 -1.02
CA ASP A 464 11.05 38.95 0.41
C ASP A 464 9.96 38.02 0.90
N SER A 465 8.85 37.93 0.16
CA SER A 465 7.72 37.08 0.53
C SER A 465 7.71 35.83 -0.34
N LEU A 466 7.36 34.70 0.27
CA LEU A 466 7.20 33.46 -0.48
C LEU A 466 5.86 33.45 -1.21
N GLN A 467 5.83 32.75 -2.35
CA GLN A 467 4.64 32.67 -3.19
C GLN A 467 4.01 31.28 -3.03
N ARG A 468 2.88 31.22 -2.34
CA ARG A 468 2.16 29.97 -2.13
C ARG A 468 1.12 29.79 -3.24
N VAL A 469 1.27 28.74 -4.02
CA VAL A 469 0.30 28.36 -5.06
C VAL A 469 -0.54 27.22 -4.51
N PRO A 470 -1.81 27.44 -4.15
CA PRO A 470 -2.62 26.32 -3.67
C PRO A 470 -3.05 25.43 -4.81
N THR A 471 -3.02 24.13 -4.57
CA THR A 471 -3.46 23.12 -5.52
C THR A 471 -4.56 22.31 -4.86
N LEU A 472 -5.73 22.93 -4.72
CA LEU A 472 -6.73 22.38 -3.81
C LEU A 472 -7.60 21.27 -4.42
N GLU A 473 -7.71 21.20 -5.74
CA GLU A 473 -8.51 20.15 -6.36
CA GLU A 473 -8.51 20.16 -6.37
C GLU A 473 -7.61 19.03 -6.86
N PRO A 474 -7.82 17.79 -6.42
CA PRO A 474 -6.95 16.70 -6.85
C PRO A 474 -6.97 16.46 -8.34
N LEU A 475 -8.07 16.75 -9.04
CA LEU A 475 -8.13 16.49 -10.48
C LEU A 475 -7.92 17.77 -11.31
N ARG A 476 -7.37 18.82 -10.72
CA ARG A 476 -6.84 19.92 -11.51
C ARG A 476 -5.33 19.95 -11.30
N GLY A 477 -4.67 20.95 -11.87
CA GLY A 477 -3.22 20.92 -11.89
C GLY A 477 -2.63 19.77 -12.68
N THR A 478 -3.39 19.19 -13.63
CA THR A 478 -2.96 18.05 -14.42
C THR A 478 -2.20 18.51 -15.66
N ARG A 479 -1.65 17.56 -16.40
CA ARG A 479 -0.97 17.92 -17.64
C ARG A 479 -1.91 18.66 -18.59
N ALA A 480 -3.17 18.22 -18.66
CA ALA A 480 -4.13 18.93 -19.51
C ALA A 480 -4.35 20.37 -19.06
N HIS A 481 -4.18 20.67 -17.76
CA HIS A 481 -4.33 22.04 -17.27
C HIS A 481 -3.07 22.88 -17.39
N VAL A 482 -1.90 22.37 -16.97
CA VAL A 482 -0.72 23.20 -16.81
C VAL A 482 0.48 22.74 -17.63
N GLY A 483 0.35 21.66 -18.40
CA GLY A 483 1.51 21.12 -19.10
C GLY A 483 2.11 22.10 -20.10
N ASP A 484 1.27 22.70 -20.94
CA ASP A 484 1.76 23.64 -21.94
C ASP A 484 2.31 24.91 -21.29
N LEU A 485 1.65 25.38 -20.22
CA LEU A 485 2.18 26.52 -19.48
C LEU A 485 3.57 26.21 -18.93
N LEU A 486 3.73 25.03 -18.33
CA LEU A 486 5.03 24.65 -17.77
C LEU A 486 6.07 24.53 -18.85
N ASP A 487 5.68 24.03 -20.03
CA ASP A 487 6.61 23.90 -21.14
C ASP A 487 7.20 25.25 -21.52
N ARG A 488 6.36 26.28 -21.65
CA ARG A 488 6.80 27.55 -22.18
C ARG A 488 7.40 28.48 -21.13
N CYS A 489 7.35 28.13 -19.84
CA CYS A 489 7.96 28.96 -18.82
C CYS A 489 9.41 28.54 -18.61
N ARG A 490 10.33 29.51 -18.69
CA ARG A 490 11.74 29.24 -18.53
C ARG A 490 12.24 29.49 -17.10
N SER A 491 11.46 30.17 -16.28
CA SER A 491 11.83 30.40 -14.89
C SER A 491 10.59 30.30 -14.01
N ALA A 492 10.82 30.05 -12.72
CA ALA A 492 9.72 30.04 -11.77
C ALA A 492 9.08 31.42 -11.64
N THR A 493 9.83 32.50 -11.85
CA THR A 493 9.24 33.83 -11.83
C THR A 493 8.23 33.98 -12.96
N GLU A 494 8.58 33.52 -14.16
CA GLU A 494 7.64 33.53 -15.27
C GLU A 494 6.40 32.69 -14.96
N LEU A 495 6.59 31.53 -14.34
CA LEU A 495 5.47 30.66 -14.02
C LEU A 495 4.53 31.32 -13.02
N VAL A 496 5.07 31.84 -11.91
CA VAL A 496 4.21 32.47 -10.92
C VAL A 496 3.50 33.69 -11.52
N ALA A 497 4.17 34.41 -12.42
CA ALA A 497 3.51 35.52 -13.10
C ALA A 497 2.32 35.03 -13.91
N ALA A 498 2.50 33.94 -14.65
CA ALA A 498 1.44 33.42 -15.51
C ALA A 498 0.32 32.79 -14.70
N LEU A 499 0.61 32.27 -13.50
CA LEU A 499 -0.42 31.69 -12.65
C LEU A 499 -1.18 32.74 -11.85
N THR A 500 -0.67 33.97 -11.76
CA THR A 500 -1.25 34.97 -10.89
C THR A 500 -2.66 35.34 -11.36
N GLY A 501 -3.61 35.34 -10.42
CA GLY A 501 -5.00 35.54 -10.75
C GLY A 501 -5.66 34.41 -11.53
N GLY A 502 -4.94 33.32 -11.78
CA GLY A 502 -5.50 32.18 -12.50
C GLY A 502 -5.66 30.96 -11.63
N GLU A 503 -5.69 31.16 -10.30
CA GLU A 503 -5.85 30.04 -9.39
C GLU A 503 -7.15 29.28 -9.65
N ASN A 504 -8.24 30.01 -9.89
CA ASN A 504 -9.53 29.37 -10.15
C ASN A 504 -9.66 28.89 -11.58
N LEU A 505 -8.58 28.95 -12.36
CA LEU A 505 -8.54 28.30 -13.65
C LEU A 505 -7.71 27.02 -13.60
N TYR A 506 -6.46 27.12 -13.12
CA TYR A 506 -5.55 25.99 -13.24
C TYR A 506 -5.72 24.97 -12.12
N PHE A 507 -6.15 25.39 -10.93
CA PHE A 507 -6.02 24.54 -9.76
C PHE A 507 -7.29 24.34 -8.96
N GLN A 508 -8.29 25.20 -9.12
CA GLN A 508 -9.56 24.99 -8.44
C GLN A 508 -10.67 25.48 -9.36
N ASP B 1 12.35 -28.46 -4.99
CA ASP B 1 12.37 -28.03 -6.38
C ASP B 1 13.44 -26.97 -6.65
N ALA B 2 13.47 -26.48 -7.89
CA ALA B 2 14.49 -25.51 -8.28
C ALA B 2 14.39 -24.22 -7.48
N ILE B 3 13.19 -23.84 -7.07
CA ILE B 3 13.05 -22.54 -6.42
C ILE B 3 13.47 -22.60 -4.96
N LEU B 4 13.31 -23.76 -4.29
CA LEU B 4 13.81 -23.88 -2.92
C LEU B 4 15.33 -23.83 -2.89
N ASP B 5 16.00 -24.29 -3.95
CA ASP B 5 17.45 -24.17 -4.03
C ASP B 5 17.87 -22.71 -4.25
N GLU B 6 17.12 -21.96 -5.06
CA GLU B 6 17.40 -20.54 -5.24
C GLU B 6 17.19 -19.75 -3.95
N ILE B 7 16.13 -20.07 -3.19
CA ILE B 7 15.90 -19.41 -1.91
C ILE B 7 17.02 -19.75 -0.93
N ASP B 8 17.42 -21.03 -0.88
CA ASP B 8 18.51 -21.44 -0.01
C ASP B 8 19.79 -20.66 -0.31
N ASP B 9 20.00 -20.31 -1.58
CA ASP B 9 21.17 -19.55 -2.00
C ASP B 9 21.20 -18.13 -1.44
N VAL B 10 20.05 -17.55 -1.07
CA VAL B 10 19.99 -16.15 -0.69
C VAL B 10 19.54 -15.91 0.75
N LEU B 11 19.11 -16.93 1.49
CA LEU B 11 18.63 -16.71 2.85
C LEU B 11 19.71 -16.06 3.71
N GLU B 12 19.28 -15.15 4.60
CA GLU B 12 20.18 -14.53 5.56
C GLU B 12 21.00 -15.57 6.33
N GLU B 13 22.27 -15.25 6.58
CA GLU B 13 23.08 -16.11 7.42
C GLU B 13 22.65 -15.99 8.88
N ASN B 14 23.02 -17.01 9.68
CA ASN B 14 22.71 -17.04 11.11
C ASN B 14 21.21 -16.81 11.33
N ALA B 15 20.41 -17.72 10.79
CA ALA B 15 18.97 -17.48 10.66
C ALA B 15 18.30 -17.27 12.02
N GLU B 16 18.67 -18.04 13.03
CA GLU B 16 18.00 -17.88 14.31
C GLU B 16 18.36 -16.56 14.96
N GLU B 17 19.62 -16.13 14.84
CA GLU B 17 20.01 -14.84 15.38
C GLU B 17 19.35 -13.70 14.62
N PHE B 18 19.22 -13.85 13.30
CA PHE B 18 18.60 -12.81 12.49
C PHE B 18 17.14 -12.60 12.90
N VAL B 19 16.39 -13.70 13.05
CA VAL B 19 14.99 -13.59 13.42
C VAL B 19 14.84 -12.98 14.81
N ARG B 20 15.67 -13.42 15.77
CA ARG B 20 15.55 -12.91 17.13
C ARG B 20 15.85 -11.42 17.20
N SER B 21 16.74 -10.92 16.35
CA SER B 21 17.13 -9.53 16.40
C SER B 21 16.27 -8.63 15.53
N TYR B 22 15.34 -9.18 14.76
CA TYR B 22 14.44 -8.35 13.95
C TYR B 22 13.36 -7.82 14.90
N ILE B 23 13.61 -6.63 15.43
CA ILE B 23 12.75 -5.98 16.42
C ILE B 23 12.49 -4.57 15.92
N GLN B 24 11.21 -4.21 15.79
CA GLN B 24 10.80 -2.96 15.19
C GLN B 24 10.05 -2.09 16.18
N LYS B 25 10.18 -0.77 16.00
CA LYS B 25 9.30 0.19 16.66
C LYS B 25 7.89 0.06 16.07
N GLY B 26 6.89 0.25 16.92
CA GLY B 26 5.53 0.29 16.42
C GLY B 26 5.31 1.47 15.50
N GLY B 27 4.52 1.26 14.46
CA GLY B 27 4.15 2.34 13.58
C GLY B 27 2.65 2.46 13.52
N GLU B 28 2.12 2.82 12.36
CA GLU B 28 0.68 2.93 12.21
C GLU B 28 0.05 1.63 11.73
MG MG C . 1.72 8.95 5.97
MG MG D . 2.64 6.55 8.55
MG MG E . -14.22 3.71 20.54
MG MG F . -1.20 14.18 10.59
PB ADP G . -0.51 11.22 6.46
O1B ADP G . -1.98 11.06 6.76
O2B ADP G . 0.34 10.10 6.99
O3B ADP G . 0.06 12.58 6.83
PA ADP G . 0.74 11.05 3.84
O1A ADP G . 1.20 12.45 3.51
O2A ADP G . 1.72 10.02 4.37
O3A ADP G . -0.51 11.13 4.84
O5' ADP G . 0.09 10.41 2.53
C5' ADP G . -1.21 10.80 2.09
C4' ADP G . -1.68 9.88 0.95
O4' ADP G . -2.97 10.37 0.54
C3' ADP G . -0.82 9.90 -0.30
O3' ADP G . -0.71 8.59 -0.88
C2' ADP G . -1.57 10.80 -1.27
O2' ADP G . -1.39 10.44 -2.65
C1' ADP G . -2.99 10.54 -0.88
N9 ADP G . -3.87 11.68 -1.13
C8 ADP G . -3.55 12.99 -1.05
N7 ADP G . -4.66 13.74 -1.28
C5 ADP G . -5.68 12.89 -1.49
C6 ADP G . -7.12 13.02 -1.78
N6 ADP G . -7.66 14.26 -1.91
N1 ADP G . -7.82 11.86 -1.91
C2 ADP G . -7.27 10.63 -1.80
N3 ADP G . -5.96 10.43 -1.52
C4 ADP G . -5.17 11.52 -1.37
C1 EDO H . 13.38 -8.35 -13.23
C1 EDO H . 13.58 -7.34 -13.60
O1 EDO H . 13.69 -9.54 -12.49
O1 EDO H . 13.28 -6.67 -14.83
C2 EDO H . 14.14 -7.16 -12.66
C2 EDO H . 14.42 -6.45 -12.70
O2 EDO H . 13.38 -6.54 -11.61
O2 EDO H . 13.61 -5.84 -11.69
C1 EDO I . -1.10 8.93 -15.50
O1 EDO I . 0.17 9.18 -16.12
C2 EDO I . -1.66 7.63 -16.04
O2 EDO I . -3.10 7.63 -15.96
C1 EDO J . 6.05 32.58 -20.41
O1 EDO J . 6.16 32.63 -21.84
C2 EDO J . 4.62 32.94 -19.99
O2 EDO J . 3.69 32.15 -20.75
C1 EDO K . -12.77 19.52 -12.29
O1 EDO K . -11.71 18.70 -12.81
C2 EDO K . -12.61 19.74 -10.79
O2 EDO K . -13.03 21.06 -10.43
C1 EDO L . -29.21 3.21 1.16
O1 EDO L . -29.45 4.58 0.80
C2 EDO L . -28.51 3.11 2.52
O2 EDO L . -29.40 3.37 3.61
C1 EDO M . -3.58 -11.73 20.96
O1 EDO M . -3.40 -11.38 19.58
C2 EDO M . -2.44 -11.17 21.79
O2 EDO M . -1.21 -11.80 21.40
C1 EDO N . 4.81 16.41 -20.52
O1 EDO N . 5.22 16.26 -19.16
C2 EDO N . 4.68 15.02 -21.13
O2 EDO N . 3.97 14.17 -20.22
C1 EDO O . 15.36 -24.75 12.58
O1 EDO O . 14.74 -23.81 11.68
C2 EDO O . 14.45 -25.11 13.75
O2 EDO O . 14.39 -24.05 14.72
C1 EDO P . -22.41 -8.27 18.17
O1 EDO P . -21.41 -8.38 17.15
C2 EDO P . -23.36 -9.46 18.02
O2 EDO P . -23.89 -9.41 16.69
C1 EDO Q . 11.15 20.96 -20.40
O1 EDO Q . 10.16 21.91 -20.01
C2 EDO Q . 11.69 20.26 -19.15
O2 EDO Q . 10.59 19.67 -18.44
C1 PEG R . -6.31 -0.72 -18.84
O1 PEG R . -7.21 0.28 -19.25
C2 PEG R . -7.03 -1.96 -18.32
O2 PEG R . -6.12 -2.94 -17.91
C3 PEG R . -5.53 -2.77 -16.64
C4 PEG R . -4.47 -3.85 -16.40
O4 PEG R . -3.25 -3.48 -16.96
C1 PEG S . -0.98 35.03 -4.31
O1 PEG S . -1.86 35.20 -3.23
C2 PEG S . -0.40 33.61 -4.23
O2 PEG S . 0.66 33.45 -5.14
C3 PEG S . 0.25 33.23 -6.47
C4 PEG S . -0.85 32.16 -6.53
O4 PEG S . -1.18 31.91 -7.88
C1 PEG T . 5.57 33.68 5.34
C1 PEG T . 5.58 33.87 6.14
O1 PEG T . 5.56 35.04 4.99
O1 PEG T . 5.47 35.25 6.03
C2 PEG T . 6.89 33.05 4.93
C2 PEG T . 6.61 33.37 5.12
O2 PEG T . 7.95 33.68 5.60
O2 PEG T . 7.84 33.98 5.38
C3 PEG T . 9.08 32.86 5.78
C3 PEG T . 8.50 33.45 6.50
C4 PEG T . 8.76 31.76 6.80
C4 PEG T . 9.33 32.24 6.04
O4 PEG T . 8.22 32.32 7.95
O4 PEG T . 10.28 32.67 5.12
C1 PEG U . 1.17 35.26 -1.56
C1 PEG U . 0.90 35.80 -0.03
O1 PEG U . 1.50 33.91 -1.76
O1 PEG U . 1.92 36.23 -0.88
C2 PEG U . 1.99 35.89 -0.45
C2 PEG U . 1.48 35.38 1.32
O2 PEG U . 1.69 35.29 0.78
O2 PEG U . 2.65 34.61 1.11
C3 PEG U . 2.82 34.90 1.50
C3 PEG U . 3.09 33.94 2.26
C4 PEG U . 2.45 33.91 2.60
C4 PEG U . 4.07 34.83 3.01
O4 PEG U . 3.08 32.68 2.38
O4 PEG U . 5.34 34.69 2.43
C ACT V . 12.16 34.50 1.64
O ACT V . 11.68 35.33 0.80
OXT ACT V . 12.92 33.51 1.41
CH3 ACT V . 11.70 34.72 3.13
C ACT W . -15.62 -8.38 18.45
O ACT W . -15.33 -7.79 19.53
OXT ACT W . -16.09 -7.89 17.37
CH3 ACT W . -15.32 -9.90 18.47
C ACT X . 7.61 40.97 -1.80
O ACT X . 6.42 40.82 -2.22
OXT ACT X . 8.68 40.97 -2.45
CH3 ACT X . 7.74 41.19 -0.26
C1 PGE Y . -2.57 -24.56 4.40
O1 PGE Y . -3.83 -24.74 3.75
C2 PGE Y . -2.77 -24.62 5.90
O2 PGE Y . -1.51 -24.72 6.54
C3 PGE Y . -1.30 -23.75 7.56
C4 PGE Y . -1.36 -24.42 8.93
O4 PGE Y . -3.28 -21.37 11.43
C6 PGE Y . -3.11 -22.49 10.57
C5 PGE Y . -1.91 -23.33 10.98
O3 PGE Y . -0.99 -23.48 9.92
C1 PGE Z . 2.03 15.53 7.78
O1 PGE Z . 3.00 14.92 8.64
C2 PGE Z . 1.73 16.93 8.27
O2 PGE Z . 0.98 17.62 7.29
C3 PGE Z . -0.32 17.07 7.10
C4 PGE Z . -1.34 18.12 7.51
O4 PGE Z . -2.90 21.46 8.98
C6 PGE Z . -1.69 21.34 8.24
C5 PGE Z . -1.92 20.37 7.11
O3 PGE Z . -0.89 19.39 7.10
S SO4 AA . -16.53 -0.25 18.62
O1 SO4 AA . -16.42 0.26 19.98
O2 SO4 AA . -17.94 -0.35 18.26
O3 SO4 AA . -15.90 -1.58 18.55
O4 SO4 AA . -15.87 0.67 17.72
S SO4 BA . 3.84 -29.10 13.15
O1 SO4 BA . 4.14 -27.75 13.63
O2 SO4 BA . 2.38 -29.27 13.06
O3 SO4 BA . 4.43 -29.32 11.83
O4 SO4 BA . 4.39 -30.07 14.09
MG MF4 CA . -2.77 9.77 9.76
F1 MF4 CA . -3.57 10.04 8.19
F2 MF4 CA . -3.48 10.94 10.90
F3 MF4 CA . -3.11 8.06 10.19
F4 MF4 CA . -1.00 9.87 9.68
MG MG DA . 0.18 8.80 8.75
C1 EDO EA . 24.63 -21.11 1.49
O1 EDO EA . 25.82 -21.22 2.29
C2 EDO EA . 24.38 -22.44 0.76
O2 EDO EA . 23.22 -22.32 -0.07
C1 EDO FA . 20.97 -21.29 10.71
C1 EDO FA . 21.53 -21.29 9.43
O1 EDO FA . 20.94 -22.48 9.90
O1 EDO FA . 21.61 -19.87 9.22
C2 EDO FA . 20.66 -21.64 12.16
C2 EDO FA . 21.78 -21.60 10.90
O2 EDO FA . 20.44 -20.44 12.92
O2 EDO FA . 20.86 -20.88 11.71
#